data_1KDH
#
_entry.id   1KDH
#
_cell.length_a   46.800
_cell.length_b   85.000
_cell.length_c   111.400
_cell.angle_alpha   90.00
_cell.angle_beta   90.00
_cell.angle_gamma   90.00
#
_symmetry.space_group_name_H-M   'P 21 21 21'
#
loop_
_entity.id
_entity.type
_entity.pdbx_description
1 polymer "5'-D(P*(BRU)P*(BRU)P*(BRU)P*(BRU))-3'"
2 polymer 'Terminal deoxynucleotidyltransferase short isoform'
3 non-polymer 'MAGNESIUM ION'
4 non-polymer 'SODIUM ION'
5 water water
#
loop_
_entity_poly.entity_id
_entity_poly.type
_entity_poly.pdbx_seq_one_letter_code
_entity_poly.pdbx_strand_id
1 'polydeoxyribonucleotide' (BRU)(BRU)(BRU)(BRU) D
2 'polypeptide(L)'
;KKISQYACQRRTTLNNYNQLFTDALDILAENDELRENEGSCLAFMRASSVLKSLPFPITSMKDTEGIPCLGDKVKSIIEG
IIEDGESSEAKAVLNDERYKSFKLFTSVFGVGLKTAEKWFRMGFRTLSKIQSDKSLRFTQMQKAGFLYYEDLVSCVNRPE
AEAVSMLVKEAVVTFLPDALVTMTGGFRRGKMTGHDVDFLITSPEATEDEEQQLLHKVTDFWKQQGLLLYCDILESTFEK
FKQPSRKVDALDHFQKCFLILKLDHGRVHSEKSGQQEGKGWKAIRVDLVMCPYDRRAFALLGWTGSRQFERDLRRYATHE
RKMMLDNHALYDRTKRVFLEAESEEEIFAHLGLDYIEPWERNA
;
A
#
# COMPACT_ATOMS: atom_id res chain seq x y z
N LYS B 1 -9.08 -24.61 -16.35
CA LYS B 1 -8.99 -23.24 -15.86
C LYS B 1 -7.54 -22.77 -15.77
N LYS B 2 -6.66 -23.68 -15.30
CA LYS B 2 -5.21 -23.34 -15.21
C LYS B 2 -4.86 -21.99 -14.52
N ILE B 3 -4.82 -21.99 -13.19
CA ILE B 3 -4.65 -20.75 -12.45
C ILE B 3 -3.18 -20.29 -12.48
N SER B 4 -2.93 -19.21 -13.21
CA SER B 4 -1.59 -18.63 -13.26
C SER B 4 -1.02 -18.56 -11.86
N GLN B 5 0.29 -18.52 -11.75
CA GLN B 5 0.92 -18.42 -10.45
C GLN B 5 1.15 -16.93 -10.16
N TYR B 6 1.12 -16.13 -11.23
CA TYR B 6 1.31 -14.70 -11.10
C TYR B 6 -0.04 -14.05 -10.84
N ALA B 7 -0.04 -13.11 -9.92
CA ALA B 7 -1.24 -12.40 -9.54
C ALA B 7 -1.71 -11.49 -10.66
N CYS B 8 -0.79 -11.11 -11.55
CA CYS B 8 -1.11 -10.25 -12.67
C CYS B 8 -1.81 -10.98 -13.82
N GLN B 9 -1.93 -12.29 -13.70
CA GLN B 9 -2.65 -13.10 -14.70
C GLN B 9 -3.74 -13.78 -13.90
N ARG B 10 -4.31 -13.03 -12.96
CA ARG B 10 -5.32 -13.56 -12.08
C ARG B 10 -6.23 -12.40 -11.74
N ARG B 11 -7.52 -12.67 -11.53
CA ARG B 11 -8.47 -11.63 -11.18
C ARG B 11 -8.89 -11.79 -9.74
N THR B 12 -8.43 -10.87 -8.90
CA THR B 12 -8.67 -10.93 -7.46
C THR B 12 -9.39 -9.69 -6.95
N THR B 13 -10.74 -9.75 -6.95
CA THR B 13 -11.51 -8.64 -6.43
C THR B 13 -11.57 -8.66 -4.90
N LEU B 14 -12.61 -7.99 -4.36
CA LEU B 14 -12.74 -7.95 -2.91
C LEU B 14 -13.73 -9.00 -2.40
N ASN B 15 -13.93 -10.03 -3.21
CA ASN B 15 -14.88 -11.07 -2.91
C ASN B 15 -14.10 -12.31 -2.48
N ASN B 16 -13.52 -12.27 -1.29
CA ASN B 16 -12.73 -13.40 -0.80
C ASN B 16 -13.65 -14.51 -0.33
N TYR B 17 -13.41 -15.72 -0.83
CA TYR B 17 -14.21 -16.88 -0.43
C TYR B 17 -13.44 -17.70 0.57
N ASN B 18 -12.23 -17.25 0.87
CA ASN B 18 -11.41 -18.00 1.80
C ASN B 18 -10.75 -17.21 2.93
N GLN B 19 -11.44 -16.20 3.45
CA GLN B 19 -10.91 -15.41 4.56
C GLN B 19 -10.35 -16.32 5.66
N LEU B 20 -11.06 -17.41 5.93
CA LEU B 20 -10.67 -18.39 6.92
C LEU B 20 -9.19 -18.73 6.79
N PHE B 21 -8.80 -19.18 5.59
CA PHE B 21 -7.41 -19.51 5.34
C PHE B 21 -6.60 -18.23 5.18
N THR B 22 -7.13 -17.32 4.39
CA THR B 22 -6.47 -16.06 4.10
C THR B 22 -5.91 -15.30 5.30
N ASP B 23 -6.75 -15.00 6.28
CA ASP B 23 -6.27 -14.26 7.44
C ASP B 23 -5.27 -15.08 8.22
N ALA B 24 -5.32 -16.40 8.05
CA ALA B 24 -4.40 -17.27 8.76
C ALA B 24 -3.04 -17.08 8.11
N LEU B 25 -3.03 -17.15 6.78
CA LEU B 25 -1.80 -16.98 6.03
C LEU B 25 -1.22 -15.58 6.18
N ASP B 26 -2.07 -14.56 6.13
CA ASP B 26 -1.57 -13.21 6.26
C ASP B 26 -0.97 -12.99 7.65
N ILE B 27 -1.54 -13.66 8.64
CA ILE B 27 -1.01 -13.54 10.00
C ILE B 27 0.34 -14.21 10.06
N LEU B 28 0.36 -15.49 9.71
CA LEU B 28 1.61 -16.22 9.72
C LEU B 28 2.63 -15.46 8.89
N ALA B 29 2.20 -15.04 7.70
CA ALA B 29 3.05 -14.30 6.77
C ALA B 29 3.54 -12.99 7.39
N GLU B 30 2.62 -12.20 7.93
CA GLU B 30 3.00 -10.93 8.55
C GLU B 30 3.91 -11.15 9.75
N ASN B 31 3.87 -12.35 10.32
CA ASN B 31 4.71 -12.63 11.46
C ASN B 31 6.17 -12.80 11.06
N ASP B 32 6.42 -13.41 9.90
CA ASP B 32 7.79 -13.60 9.42
C ASP B 32 8.37 -12.27 8.96
N GLU B 33 7.49 -11.30 8.73
CA GLU B 33 7.89 -9.98 8.28
C GLU B 33 8.44 -9.23 9.48
N LEU B 34 7.87 -9.51 10.64
CA LEU B 34 8.27 -8.90 11.91
C LEU B 34 9.43 -9.73 12.47
N ARG B 35 9.54 -10.96 11.99
CA ARG B 35 10.56 -11.92 12.41
C ARG B 35 11.77 -11.89 11.46
N GLU B 36 11.92 -10.76 10.75
CA GLU B 36 13.03 -10.63 9.82
C GLU B 36 13.29 -11.94 9.06
N ASN B 37 12.18 -12.64 8.74
CA ASN B 37 12.31 -13.89 8.01
C ASN B 37 11.69 -13.79 6.61
N GLU B 38 12.47 -13.09 5.79
CA GLU B 38 12.11 -12.74 4.43
C GLU B 38 11.67 -13.90 3.53
N GLY B 39 12.16 -15.09 3.82
CA GLY B 39 11.83 -16.22 2.98
C GLY B 39 10.47 -16.88 3.13
N SER B 40 10.09 -17.23 4.35
CA SER B 40 8.80 -17.87 4.60
C SER B 40 7.66 -16.89 4.40
N CYS B 41 7.95 -15.61 4.58
CA CYS B 41 6.97 -14.54 4.41
C CYS B 41 6.42 -14.64 2.98
N LEU B 42 7.33 -14.75 2.03
CA LEU B 42 6.99 -14.88 0.62
C LEU B 42 6.02 -16.02 0.41
N ALA B 43 6.41 -17.22 0.84
CA ALA B 43 5.56 -18.39 0.70
C ALA B 43 4.11 -18.10 1.07
N PHE B 44 3.87 -17.65 2.29
CA PHE B 44 2.51 -17.35 2.74
C PHE B 44 1.77 -16.36 1.87
N MET B 45 2.45 -15.30 1.45
CA MET B 45 1.83 -14.29 0.62
C MET B 45 1.34 -14.88 -0.70
N ARG B 46 2.25 -15.52 -1.44
CA ARG B 46 1.89 -16.16 -2.71
C ARG B 46 0.64 -16.99 -2.47
N ALA B 47 0.72 -17.92 -1.52
CA ALA B 47 -0.39 -18.79 -1.19
C ALA B 47 -1.66 -18.04 -0.80
N SER B 48 -1.53 -17.08 0.09
CA SER B 48 -2.67 -16.29 0.54
C SER B 48 -3.30 -15.56 -0.65
N SER B 49 -2.45 -14.89 -1.42
CA SER B 49 -2.87 -14.15 -2.60
C SER B 49 -3.67 -15.05 -3.52
N VAL B 50 -3.10 -16.19 -3.88
CA VAL B 50 -3.76 -17.14 -4.77
C VAL B 50 -5.21 -17.39 -4.31
N LEU B 51 -5.37 -17.93 -3.11
CA LEU B 51 -6.69 -18.22 -2.57
C LEU B 51 -7.66 -17.04 -2.73
N LYS B 52 -7.22 -15.84 -2.35
CA LYS B 52 -8.08 -14.66 -2.46
C LYS B 52 -8.70 -14.51 -3.83
N SER B 53 -8.15 -15.21 -4.82
CA SER B 53 -8.64 -15.13 -6.19
C SER B 53 -9.64 -16.22 -6.53
N LEU B 54 -9.70 -17.26 -5.72
CA LEU B 54 -10.61 -18.35 -6.00
C LEU B 54 -12.05 -17.91 -5.92
N PRO B 55 -12.87 -18.43 -6.84
CA PRO B 55 -14.31 -18.19 -7.02
C PRO B 55 -15.17 -18.99 -6.07
N PHE B 56 -14.54 -19.88 -5.31
CA PHE B 56 -15.26 -20.71 -4.37
C PHE B 56 -14.47 -20.95 -3.09
N PRO B 57 -15.17 -21.32 -2.02
CA PRO B 57 -14.59 -21.61 -0.72
C PRO B 57 -14.05 -23.03 -0.63
N ILE B 58 -12.78 -23.17 -0.27
CA ILE B 58 -12.19 -24.49 -0.14
C ILE B 58 -12.80 -25.19 1.06
N THR B 59 -13.38 -26.36 0.79
CA THR B 59 -14.04 -27.15 1.82
C THR B 59 -13.37 -28.50 2.05
N SER B 60 -12.33 -28.77 1.29
CA SER B 60 -11.61 -30.03 1.44
C SER B 60 -10.26 -29.91 0.77
N MET B 61 -9.32 -30.76 1.16
CA MET B 61 -7.98 -30.73 0.59
C MET B 61 -8.02 -31.05 -0.89
N LYS B 62 -9.07 -31.75 -1.31
CA LYS B 62 -9.21 -32.12 -2.70
C LYS B 62 -9.33 -30.89 -3.59
N ASP B 63 -10.00 -29.85 -3.09
CA ASP B 63 -10.17 -28.62 -3.85
C ASP B 63 -8.83 -27.93 -4.07
N THR B 64 -7.83 -28.31 -3.29
CA THR B 64 -6.53 -27.72 -3.41
C THR B 64 -5.79 -28.33 -4.58
N GLU B 65 -6.22 -29.52 -4.97
CA GLU B 65 -5.45 -30.40 -5.85
C GLU B 65 -5.34 -29.82 -7.26
N GLY B 66 -4.60 -28.70 -7.35
CA GLY B 66 -4.43 -28.06 -8.65
C GLY B 66 -3.83 -26.66 -8.52
N ILE B 67 -4.42 -25.87 -7.60
CA ILE B 67 -3.94 -24.51 -7.39
C ILE B 67 -2.42 -24.48 -7.21
N PRO B 68 -1.77 -23.39 -7.67
CA PRO B 68 -0.32 -23.25 -7.52
C PRO B 68 0.03 -22.55 -6.23
N CYS B 69 1.33 -22.35 -6.02
CA CYS B 69 1.79 -21.66 -4.85
C CYS B 69 1.24 -22.28 -3.58
N LEU B 70 0.88 -23.56 -3.65
CA LEU B 70 0.34 -24.28 -2.50
C LEU B 70 1.31 -25.36 -2.02
N GLY B 71 2.25 -24.94 -1.16
CA GLY B 71 3.26 -25.83 -0.62
C GLY B 71 2.86 -26.60 0.61
N ASP B 72 3.62 -27.64 0.92
CA ASP B 72 3.35 -28.50 2.06
C ASP B 72 3.25 -27.72 3.36
N LYS B 73 4.29 -26.95 3.65
CA LYS B 73 4.33 -26.15 4.88
C LYS B 73 3.00 -25.42 5.07
N VAL B 74 2.31 -25.21 3.94
CA VAL B 74 1.04 -24.51 3.89
C VAL B 74 -0.20 -25.38 3.99
N LYS B 75 -0.35 -26.31 3.05
CA LYS B 75 -1.51 -27.18 3.05
C LYS B 75 -1.71 -27.78 4.42
N SER B 76 -0.63 -27.81 5.21
CA SER B 76 -0.71 -28.36 6.55
C SER B 76 -1.44 -27.39 7.46
N ILE B 77 -1.24 -26.09 7.23
CA ILE B 77 -1.91 -25.07 8.04
C ILE B 77 -3.35 -24.97 7.55
N ILE B 78 -3.55 -25.34 6.27
CA ILE B 78 -4.86 -25.32 5.64
C ILE B 78 -5.70 -26.46 6.19
N GLU B 79 -5.09 -27.63 6.25
CA GLU B 79 -5.69 -28.85 6.77
C GLU B 79 -6.18 -28.66 8.21
N GLY B 80 -5.48 -27.82 8.95
CA GLY B 80 -5.87 -27.56 10.32
C GLY B 80 -7.12 -26.71 10.38
N ILE B 81 -7.24 -25.78 9.43
CA ILE B 81 -8.39 -24.88 9.35
C ILE B 81 -9.62 -25.72 9.00
N ILE B 82 -9.47 -26.52 7.95
CA ILE B 82 -10.55 -27.39 7.49
C ILE B 82 -11.16 -28.21 8.61
N GLU B 83 -10.30 -28.77 9.47
CA GLU B 83 -10.77 -29.60 10.58
C GLU B 83 -11.16 -28.76 11.79
N ASP B 84 -10.17 -28.44 12.60
CA ASP B 84 -10.37 -27.64 13.80
C ASP B 84 -11.27 -26.44 13.51
N GLY B 85 -11.21 -25.96 12.27
CA GLY B 85 -12.02 -24.80 11.89
C GLY B 85 -11.21 -23.54 12.11
N GLU B 86 -10.13 -23.67 12.86
CA GLU B 86 -9.24 -22.55 13.15
C GLU B 86 -7.80 -23.05 12.99
N SER B 87 -6.85 -22.15 13.19
CA SER B 87 -5.43 -22.46 13.02
C SER B 87 -4.63 -22.44 14.33
N SER B 88 -4.06 -23.57 14.68
CA SER B 88 -3.25 -23.63 15.88
C SER B 88 -2.10 -22.64 15.70
N GLU B 89 -1.45 -22.68 14.54
CA GLU B 89 -0.31 -21.80 14.25
C GLU B 89 -0.76 -20.34 14.29
N ALA B 90 -1.71 -20.00 13.43
CA ALA B 90 -2.22 -18.64 13.35
C ALA B 90 -2.54 -18.10 14.74
N LYS B 91 -3.29 -18.88 15.51
CA LYS B 91 -3.71 -18.53 16.87
C LYS B 91 -2.49 -18.29 17.76
N ALA B 92 -1.48 -19.12 17.60
CA ALA B 92 -0.26 -18.98 18.37
C ALA B 92 0.33 -17.58 18.15
N VAL B 93 0.78 -17.29 16.93
CA VAL B 93 1.37 -15.97 16.63
C VAL B 93 0.57 -14.81 17.23
N LEU B 94 -0.73 -14.97 17.28
CA LEU B 94 -1.59 -13.92 17.82
C LEU B 94 -1.23 -13.62 19.28
N ASN B 95 -0.92 -14.69 20.02
CA ASN B 95 -0.59 -14.58 21.43
C ASN B 95 0.87 -14.27 21.65
N ASP B 96 1.72 -14.73 20.74
CA ASP B 96 3.14 -14.46 20.88
C ASP B 96 3.26 -13.01 21.30
N GLU B 97 4.02 -12.75 22.35
CA GLU B 97 4.17 -11.40 22.84
C GLU B 97 5.03 -10.51 21.96
N ARG B 98 6.13 -11.07 21.45
CA ARG B 98 7.01 -10.29 20.58
C ARG B 98 6.17 -9.76 19.42
N TYR B 99 5.44 -10.66 18.76
CA TYR B 99 4.55 -10.33 17.66
C TYR B 99 3.69 -9.14 18.05
N LYS B 100 2.87 -9.40 19.08
CA LYS B 100 1.91 -8.41 19.59
C LYS B 100 2.47 -7.04 19.91
N SER B 101 3.68 -6.96 20.45
CA SER B 101 4.26 -5.66 20.74
C SER B 101 4.75 -5.01 19.44
N PHE B 102 5.28 -5.84 18.55
CA PHE B 102 5.77 -5.35 17.27
C PHE B 102 4.61 -4.76 16.48
N LYS B 103 3.49 -5.44 16.48
CA LYS B 103 2.36 -4.91 15.76
C LYS B 103 1.95 -3.59 16.38
N LEU B 104 1.62 -3.65 17.67
CA LEU B 104 1.19 -2.49 18.43
C LEU B 104 2.08 -1.26 18.36
N PHE B 105 3.39 -1.47 18.45
CA PHE B 105 4.34 -0.36 18.41
C PHE B 105 4.43 0.17 17.00
N THR B 106 4.59 -0.78 16.09
CA THR B 106 4.71 -0.49 14.68
C THR B 106 3.50 0.26 14.15
N SER B 107 2.34 0.08 14.80
CA SER B 107 1.11 0.74 14.41
C SER B 107 1.17 2.25 14.63
N VAL B 108 2.29 2.76 15.11
CA VAL B 108 2.40 4.21 15.31
C VAL B 108 3.19 4.83 14.18
N PHE B 109 2.65 5.91 13.66
CA PHE B 109 3.30 6.61 12.56
C PHE B 109 4.72 7.00 12.96
N GLY B 110 5.71 6.48 12.23
CA GLY B 110 7.09 6.80 12.53
C GLY B 110 7.79 5.61 13.16
N VAL B 111 7.03 4.55 13.42
CA VAL B 111 7.59 3.35 14.03
C VAL B 111 7.71 2.14 13.10
N GLY B 112 8.94 1.69 12.92
CA GLY B 112 9.21 0.53 12.08
C GLY B 112 9.89 -0.53 12.94
N LEU B 113 10.28 -1.64 12.31
CA LEU B 113 10.94 -2.72 13.01
C LEU B 113 12.12 -2.29 13.86
N LYS B 114 12.97 -1.43 13.31
CA LYS B 114 14.12 -0.95 14.07
C LYS B 114 13.58 -0.49 15.42
N THR B 115 13.01 0.72 15.44
CA THR B 115 12.48 1.27 16.68
C THR B 115 11.53 0.34 17.41
N ALA B 116 10.84 -0.54 16.68
CA ALA B 116 9.92 -1.47 17.33
C ALA B 116 10.73 -2.40 18.19
N GLU B 117 11.73 -3.04 17.59
CA GLU B 117 12.59 -3.97 18.33
C GLU B 117 13.28 -3.25 19.48
N LYS B 118 13.73 -2.03 19.23
CA LYS B 118 14.38 -1.20 20.24
C LYS B 118 13.59 -1.23 21.53
N TRP B 119 12.34 -0.78 21.46
CA TRP B 119 11.45 -0.71 22.61
C TRP B 119 11.11 -2.06 23.25
N PHE B 120 11.12 -3.10 22.44
CA PHE B 120 10.83 -4.44 22.90
C PHE B 120 11.88 -4.81 23.96
N ARG B 121 13.13 -4.89 23.49
CA ARG B 121 14.32 -5.19 24.29
C ARG B 121 14.44 -4.34 25.57
N MET B 122 13.89 -3.14 25.51
CA MET B 122 13.93 -2.25 26.66
C MET B 122 12.86 -2.70 27.64
N GLY B 123 12.11 -3.73 27.28
CA GLY B 123 11.08 -4.23 28.15
C GLY B 123 9.74 -3.54 28.04
N PHE B 124 9.62 -2.59 27.12
CA PHE B 124 8.37 -1.87 26.92
C PHE B 124 7.40 -2.85 26.27
N ARG B 125 6.13 -2.72 26.58
CA ARG B 125 5.10 -3.62 26.03
C ARG B 125 3.78 -2.88 25.78
N THR B 126 3.77 -1.58 26.02
CA THR B 126 2.57 -0.80 25.80
C THR B 126 2.94 0.61 25.37
N LEU B 127 2.02 1.27 24.67
CA LEU B 127 2.28 2.62 24.19
C LEU B 127 2.10 3.65 25.27
N SER B 128 1.53 3.24 26.40
CA SER B 128 1.35 4.18 27.50
C SER B 128 2.66 4.29 28.23
N LYS B 129 3.28 3.14 28.51
CA LYS B 129 4.56 3.11 29.20
C LYS B 129 5.65 3.73 28.31
N ILE B 130 5.39 3.82 27.01
CA ILE B 130 6.35 4.37 26.05
C ILE B 130 6.27 5.87 25.95
N GLN B 131 5.06 6.41 25.88
CA GLN B 131 4.90 7.86 25.80
C GLN B 131 5.35 8.51 27.08
N SER B 132 4.88 7.95 28.20
CA SER B 132 5.18 8.47 29.54
C SER B 132 6.64 8.36 29.97
N ASP B 133 7.31 7.28 29.60
CA ASP B 133 8.70 7.10 29.97
C ASP B 133 9.49 8.39 29.79
N LYS B 134 9.84 9.02 30.89
CA LYS B 134 10.59 10.27 30.85
C LYS B 134 12.07 9.94 30.65
N SER B 135 12.41 9.48 29.45
CA SER B 135 13.77 9.13 29.13
C SER B 135 13.90 9.04 27.62
N LEU B 136 13.11 8.17 27.01
CA LEU B 136 13.17 7.90 25.57
C LEU B 136 13.03 9.19 24.78
N ARG B 137 13.52 9.17 23.54
CA ARG B 137 13.44 10.33 22.63
C ARG B 137 12.68 9.98 21.36
N PHE B 138 11.85 10.90 20.88
CA PHE B 138 11.04 10.67 19.68
C PHE B 138 11.27 11.62 18.50
N THR B 139 11.10 11.07 17.30
CA THR B 139 11.25 11.84 16.07
C THR B 139 10.01 12.70 15.97
N GLN B 140 10.01 13.63 15.03
CA GLN B 140 8.84 14.47 14.84
C GLN B 140 7.75 13.58 14.24
N MET B 141 8.18 12.59 13.48
CA MET B 141 7.25 11.65 12.86
C MET B 141 6.56 10.89 13.99
N GLN B 142 7.34 10.31 14.89
CA GLN B 142 6.79 9.57 16.01
C GLN B 142 5.97 10.48 16.91
N LYS B 143 6.39 11.73 17.07
CA LYS B 143 5.62 12.64 17.90
C LYS B 143 4.26 12.80 17.27
N ALA B 144 4.27 13.01 15.96
CA ALA B 144 3.06 13.18 15.15
C ALA B 144 2.25 11.88 15.08
N GLY B 145 2.95 10.75 14.99
CA GLY B 145 2.27 9.46 14.94
C GLY B 145 1.53 9.18 16.23
N PHE B 146 2.12 9.64 17.33
CA PHE B 146 1.61 9.50 18.69
C PHE B 146 0.54 10.54 18.97
N LEU B 147 0.88 11.80 18.68
CA LEU B 147 -0.04 12.89 18.93
C LEU B 147 -1.40 12.67 18.32
N TYR B 148 -1.43 11.97 17.18
CA TYR B 148 -2.67 11.71 16.47
C TYR B 148 -2.95 10.23 16.35
N TYR B 149 -2.29 9.43 17.19
CA TYR B 149 -2.45 7.99 17.17
C TYR B 149 -3.93 7.60 17.04
N GLU B 150 -4.74 8.13 17.94
CA GLU B 150 -6.17 7.84 17.98
C GLU B 150 -6.89 7.83 16.64
N ASP B 151 -6.84 8.95 15.92
CA ASP B 151 -7.50 9.08 14.61
C ASP B 151 -6.89 8.27 13.47
N LEU B 152 -5.57 8.09 13.53
CA LEU B 152 -4.89 7.33 12.50
C LEU B 152 -5.18 5.85 12.55
N VAL B 153 -5.49 5.33 13.74
CA VAL B 153 -5.79 3.90 13.85
C VAL B 153 -7.11 3.68 13.15
N SER B 154 -8.02 4.65 13.33
CA SER B 154 -9.34 4.62 12.71
C SER B 154 -9.21 4.49 11.21
N CYS B 155 -10.10 3.73 10.59
CA CYS B 155 -10.05 3.58 9.15
C CYS B 155 -10.47 4.90 8.51
N VAL B 156 -10.37 4.98 7.19
CA VAL B 156 -10.78 6.19 6.47
C VAL B 156 -11.82 5.74 5.46
N ASN B 157 -12.95 6.44 5.45
CA ASN B 157 -14.04 6.15 4.53
C ASN B 157 -13.80 6.66 3.13
N ARG B 158 -14.71 6.26 2.22
CA ARG B 158 -14.67 6.77 0.88
C ARG B 158 -15.16 8.21 1.09
N PRO B 159 -16.23 8.37 1.92
CA PRO B 159 -16.63 9.77 2.16
C PRO B 159 -15.42 10.60 2.54
N GLU B 160 -14.74 10.17 3.60
CA GLU B 160 -13.58 10.92 4.08
C GLU B 160 -12.53 10.97 2.97
N ALA B 161 -12.37 9.86 2.26
CA ALA B 161 -11.41 9.79 1.19
C ALA B 161 -11.73 10.89 0.17
N GLU B 162 -12.95 10.85 -0.38
CA GLU B 162 -13.42 11.84 -1.35
C GLU B 162 -13.27 13.25 -0.78
N ALA B 163 -13.56 13.36 0.51
CA ALA B 163 -13.48 14.62 1.23
C ALA B 163 -12.09 15.20 1.11
N VAL B 164 -11.08 14.35 1.22
CA VAL B 164 -9.69 14.77 1.11
C VAL B 164 -9.41 15.19 -0.33
N SER B 165 -9.81 14.32 -1.27
CA SER B 165 -9.61 14.59 -2.70
C SER B 165 -10.07 15.97 -3.16
N MET B 166 -11.13 16.49 -2.58
CA MET B 166 -11.58 17.82 -2.96
C MET B 166 -10.42 18.71 -2.59
N LEU B 167 -10.07 18.68 -1.31
CA LEU B 167 -8.97 19.47 -0.76
C LEU B 167 -7.70 19.44 -1.59
N VAL B 168 -7.26 18.23 -1.90
CA VAL B 168 -6.05 18.03 -2.68
C VAL B 168 -6.16 18.67 -4.06
N LYS B 169 -7.39 18.95 -4.49
CA LYS B 169 -7.62 19.55 -5.81
C LYS B 169 -7.66 21.07 -5.74
N GLU B 170 -8.55 21.59 -4.92
CA GLU B 170 -8.70 23.03 -4.73
C GLU B 170 -7.34 23.67 -4.53
N ALA B 171 -6.37 22.86 -4.09
CA ALA B 171 -5.02 23.35 -3.85
C ALA B 171 -4.19 23.22 -5.12
N VAL B 172 -4.00 21.98 -5.55
CA VAL B 172 -3.25 21.68 -6.74
C VAL B 172 -3.79 22.45 -7.92
N VAL B 173 -5.11 22.41 -8.07
CA VAL B 173 -5.78 23.10 -9.17
C VAL B 173 -5.44 24.59 -9.13
N THR B 174 -5.18 25.11 -7.94
CA THR B 174 -4.82 26.52 -7.77
C THR B 174 -3.43 26.85 -8.32
N PHE B 175 -2.42 26.02 -8.04
CA PHE B 175 -1.06 26.27 -8.52
C PHE B 175 -0.77 25.68 -9.90
N LEU B 176 -1.63 24.78 -10.37
CA LEU B 176 -1.48 24.16 -11.69
C LEU B 176 -2.82 23.66 -12.17
N PRO B 177 -3.69 24.58 -12.60
CA PRO B 177 -5.05 24.29 -13.10
C PRO B 177 -5.12 23.35 -14.28
N ASP B 178 -3.97 22.96 -14.82
CA ASP B 178 -3.92 22.05 -15.94
C ASP B 178 -3.37 20.71 -15.48
N ALA B 179 -3.58 20.41 -14.20
CA ALA B 179 -3.09 19.18 -13.58
C ALA B 179 -4.19 18.19 -13.25
N LEU B 180 -3.87 16.90 -13.33
CA LEU B 180 -4.82 15.83 -13.04
C LEU B 180 -4.45 15.14 -11.75
N VAL B 181 -5.40 15.15 -10.81
CA VAL B 181 -5.21 14.54 -9.50
C VAL B 181 -6.09 13.31 -9.38
N THR B 182 -5.50 12.14 -9.54
CA THR B 182 -6.28 10.91 -9.45
C THR B 182 -5.99 10.12 -8.16
N MET B 183 -7.05 9.64 -7.52
CA MET B 183 -6.90 8.89 -6.29
C MET B 183 -6.41 7.48 -6.58
N THR B 184 -5.30 7.14 -5.95
CA THR B 184 -4.68 5.84 -6.15
C THR B 184 -4.81 4.91 -4.95
N GLY B 185 -4.04 3.84 -4.96
CA GLY B 185 -4.04 2.89 -3.88
C GLY B 185 -5.27 2.03 -3.71
N GLY B 186 -5.54 1.62 -2.48
CA GLY B 186 -6.66 0.77 -2.16
C GLY B 186 -8.04 1.26 -2.49
N PHE B 187 -8.32 2.52 -2.21
CA PHE B 187 -9.63 3.06 -2.52
C PHE B 187 -9.81 2.98 -4.03
N ARG B 188 -8.73 3.23 -4.76
CA ARG B 188 -8.72 3.15 -6.22
C ARG B 188 -8.89 1.70 -6.64
N ARG B 189 -8.75 0.79 -5.68
CA ARG B 189 -8.91 -0.66 -5.94
C ARG B 189 -10.31 -1.13 -5.56
N GLY B 190 -11.14 -0.20 -5.10
CA GLY B 190 -12.51 -0.54 -4.72
C GLY B 190 -12.78 -0.75 -3.25
N LYS B 191 -11.78 -0.53 -2.41
CA LYS B 191 -11.91 -0.73 -0.99
C LYS B 191 -12.76 0.35 -0.30
N MET B 192 -13.58 -0.07 0.66
CA MET B 192 -14.48 0.80 1.43
C MET B 192 -13.76 1.58 2.50
N THR B 193 -12.59 1.08 2.87
CA THR B 193 -11.76 1.70 3.89
C THR B 193 -10.28 1.65 3.55
N GLY B 194 -9.48 2.38 4.32
CA GLY B 194 -8.04 2.43 4.10
C GLY B 194 -7.42 3.25 5.20
N HIS B 195 -6.10 3.24 5.31
CA HIS B 195 -5.44 4.00 6.37
C HIS B 195 -4.81 5.32 5.95
N ASP B 196 -4.65 5.47 4.64
CA ASP B 196 -4.08 6.65 4.07
C ASP B 196 -4.74 6.83 2.72
N VAL B 197 -4.98 8.08 2.33
CA VAL B 197 -5.58 8.37 1.05
C VAL B 197 -4.43 8.79 0.13
N ASP B 198 -4.28 8.06 -0.97
CA ASP B 198 -3.20 8.32 -1.93
C ASP B 198 -3.66 9.09 -3.14
N PHE B 199 -2.74 9.84 -3.72
CA PHE B 199 -3.03 10.63 -4.92
C PHE B 199 -1.78 10.79 -5.75
N LEU B 200 -1.97 10.62 -7.05
CA LEU B 200 -0.90 10.79 -8.02
C LEU B 200 -1.27 12.07 -8.74
N ILE B 201 -0.29 12.95 -8.90
CA ILE B 201 -0.54 14.22 -9.55
C ILE B 201 0.37 14.42 -10.75
N THR B 202 -0.19 14.92 -11.84
CA THR B 202 0.59 15.17 -13.04
C THR B 202 0.01 16.33 -13.83
N SER B 203 0.84 16.90 -14.69
CA SER B 203 0.45 18.05 -15.51
C SER B 203 1.17 18.09 -16.87
N PRO B 204 0.42 18.34 -17.97
CA PRO B 204 0.99 18.41 -19.31
C PRO B 204 1.94 19.60 -19.47
N GLU B 205 1.47 20.79 -19.13
CA GLU B 205 2.21 22.04 -19.17
C GLU B 205 3.30 22.09 -18.10
N ALA B 206 3.01 21.44 -16.95
CA ALA B 206 3.97 21.45 -15.86
C ALA B 206 5.42 21.38 -16.35
N THR B 207 6.31 22.27 -15.87
CA THR B 207 7.70 22.19 -16.31
C THR B 207 8.58 21.50 -15.27
N GLU B 208 9.89 21.34 -15.38
CA GLU B 208 10.64 20.67 -14.33
C GLU B 208 10.42 21.46 -13.04
N ASP B 209 10.92 22.69 -13.03
CA ASP B 209 10.79 23.57 -11.90
C ASP B 209 9.38 23.58 -11.34
N GLU B 210 8.41 23.86 -12.21
CA GLU B 210 7.02 23.92 -11.79
C GLU B 210 6.52 22.63 -11.18
N GLU B 211 6.68 21.52 -11.91
CA GLU B 211 6.22 20.22 -11.43
C GLU B 211 6.91 19.89 -10.12
N GLN B 212 7.98 20.62 -9.82
CA GLN B 212 8.73 20.41 -8.59
C GLN B 212 8.16 21.24 -7.43
N GLN B 213 8.40 22.55 -7.47
CA GLN B 213 7.92 23.40 -6.40
C GLN B 213 6.45 23.24 -6.06
N LEU B 214 5.67 22.69 -6.99
CA LEU B 214 4.24 22.50 -6.79
C LEU B 214 3.91 21.87 -5.45
N LEU B 215 4.58 20.76 -5.14
CA LEU B 215 4.33 20.08 -3.88
C LEU B 215 4.53 20.96 -2.65
N HIS B 216 5.57 21.78 -2.67
CA HIS B 216 5.81 22.66 -1.53
C HIS B 216 4.72 23.70 -1.52
N LYS B 217 4.48 24.27 -2.69
CA LYS B 217 3.47 25.30 -2.83
C LYS B 217 2.13 24.86 -2.26
N VAL B 218 1.77 23.60 -2.46
CA VAL B 218 0.50 23.11 -1.95
C VAL B 218 0.51 23.02 -0.44
N THR B 219 1.51 22.33 0.12
CA THR B 219 1.62 22.18 1.57
C THR B 219 1.76 23.53 2.26
N ASP B 220 2.45 24.45 1.61
CA ASP B 220 2.59 25.80 2.14
C ASP B 220 1.17 26.24 2.43
N PHE B 221 0.39 26.28 1.34
CA PHE B 221 -1.01 26.65 1.35
C PHE B 221 -1.79 25.98 2.47
N TRP B 222 -1.51 24.71 2.74
CA TRP B 222 -2.20 24.00 3.81
C TRP B 222 -1.67 24.44 5.16
N LYS B 223 -0.42 24.90 5.18
CA LYS B 223 0.18 25.38 6.41
C LYS B 223 -0.45 26.69 6.79
N GLN B 224 -0.57 27.58 5.81
CA GLN B 224 -1.16 28.89 6.03
C GLN B 224 -2.59 28.80 6.56
N GLN B 225 -3.16 27.61 6.51
CA GLN B 225 -4.54 27.43 6.95
C GLN B 225 -4.74 26.43 8.08
N GLY B 226 -3.63 25.97 8.66
CA GLY B 226 -3.71 25.02 9.76
C GLY B 226 -4.39 23.71 9.43
N LEU B 227 -3.98 23.10 8.32
CA LEU B 227 -4.55 21.84 7.86
C LEU B 227 -3.42 20.86 7.73
N LEU B 228 -2.21 21.41 7.76
CA LEU B 228 -0.97 20.66 7.65
C LEU B 228 -0.53 20.30 9.07
N LEU B 229 -0.80 19.07 9.50
CA LEU B 229 -0.43 18.62 10.83
C LEU B 229 0.94 17.93 10.86
N TYR B 230 1.44 17.59 9.69
CA TYR B 230 2.73 16.93 9.58
C TYR B 230 3.10 16.99 8.12
N CYS B 231 4.38 16.96 7.81
CA CYS B 231 4.77 17.05 6.41
C CYS B 231 6.21 16.68 6.14
N ASP B 232 6.40 15.68 5.29
CA ASP B 232 7.71 15.23 4.90
C ASP B 232 7.67 15.23 3.37
N ILE B 233 8.52 16.05 2.75
CA ILE B 233 8.57 16.16 1.29
C ILE B 233 9.86 15.65 0.69
N LEU B 234 9.89 14.39 0.26
CA LEU B 234 11.10 13.85 -0.36
C LEU B 234 11.20 14.28 -1.82
N GLU B 235 12.31 14.86 -2.21
CA GLU B 235 12.47 15.28 -3.59
C GLU B 235 12.74 14.04 -4.44
N SER B 236 12.38 14.10 -5.72
CA SER B 236 12.56 12.95 -6.61
C SER B 236 14.01 12.45 -6.63
N THR B 237 14.15 11.14 -6.82
CA THR B 237 15.45 10.49 -6.88
C THR B 237 15.43 9.60 -8.13
N PHE B 238 14.85 10.14 -9.19
CA PHE B 238 14.74 9.44 -10.46
C PHE B 238 15.40 10.24 -11.57
N GLU B 239 16.39 9.62 -12.21
CA GLU B 239 16.78 10.02 -13.57
C GLU B 239 15.90 9.32 -14.63
N LYS B 240 15.60 10.09 -15.69
CA LYS B 240 14.67 9.59 -16.71
C LYS B 240 15.11 8.24 -17.28
N PHE B 241 16.42 8.12 -17.55
CA PHE B 241 16.81 6.93 -18.30
C PHE B 241 17.38 5.85 -17.38
N LYS B 242 17.00 5.92 -16.10
CA LYS B 242 17.51 4.95 -15.14
C LYS B 242 16.65 3.69 -15.07
N GLN B 243 17.01 2.70 -15.93
CA GLN B 243 16.13 1.55 -16.10
C GLN B 243 15.81 0.89 -14.77
N PRO B 244 14.65 0.20 -14.73
CA PRO B 244 14.17 -0.50 -13.53
C PRO B 244 15.27 -1.35 -12.91
N SER B 245 15.61 -1.08 -11.65
CA SER B 245 16.66 -1.84 -10.98
C SER B 245 16.28 -3.33 -10.97
N ARG B 246 17.29 -4.18 -11.17
CA ARG B 246 17.07 -5.62 -11.21
C ARG B 246 16.50 -6.14 -9.90
N LEU B 251 14.14 2.39 -3.14
CA LEU B 251 14.08 3.83 -3.33
C LEU B 251 13.68 4.19 -4.77
N ASP B 252 14.43 5.15 -5.34
CA ASP B 252 14.14 5.56 -6.70
C ASP B 252 12.65 5.85 -6.90
N HIS B 253 12.23 7.02 -6.40
CA HIS B 253 10.85 7.44 -6.61
C HIS B 253 10.77 8.87 -7.16
N PHE B 254 9.59 9.33 -7.55
CA PHE B 254 9.38 10.71 -7.97
C PHE B 254 9.24 11.54 -6.70
N GLN B 255 9.12 12.85 -6.83
CA GLN B 255 8.95 13.69 -5.66
C GLN B 255 7.64 13.30 -5.00
N LYS B 256 7.71 12.48 -3.95
CA LYS B 256 6.51 12.07 -3.26
C LYS B 256 6.38 12.96 -2.06
N CYS B 257 5.38 12.72 -1.22
CA CYS B 257 5.20 13.57 -0.06
C CYS B 257 4.24 13.02 0.98
N PHE B 258 4.79 12.52 2.09
CA PHE B 258 4.02 11.94 3.20
C PHE B 258 3.54 13.04 4.12
N LEU B 259 2.32 12.95 4.60
CA LEU B 259 1.81 13.97 5.49
C LEU B 259 0.49 13.61 6.17
N ILE B 260 0.17 14.35 7.22
CA ILE B 260 -1.06 14.16 7.96
C ILE B 260 -1.85 15.44 7.74
N LEU B 261 -3.09 15.29 7.30
CA LEU B 261 -3.94 16.44 7.04
C LEU B 261 -5.02 16.52 8.07
N LYS B 262 -5.48 17.74 8.29
CA LYS B 262 -6.55 17.97 9.23
C LYS B 262 -7.85 17.99 8.43
N LEU B 263 -8.60 16.89 8.50
CA LEU B 263 -9.87 16.81 7.79
C LEU B 263 -10.97 17.38 8.67
N ASP B 264 -11.52 18.51 8.25
CA ASP B 264 -12.58 19.16 8.98
C ASP B 264 -13.88 18.39 8.74
N HIS B 265 -14.40 17.75 9.78
CA HIS B 265 -15.63 16.96 9.69
C HIS B 265 -16.77 17.58 8.86
N GLY B 266 -16.84 18.91 8.81
CA GLY B 266 -17.90 19.56 8.05
C GLY B 266 -17.87 19.31 6.55
N ARG B 267 -16.71 18.88 6.06
CA ARG B 267 -16.53 18.62 4.64
C ARG B 267 -16.77 17.18 4.25
N VAL B 268 -17.21 16.35 5.20
CA VAL B 268 -17.45 14.95 4.88
C VAL B 268 -18.92 14.59 4.84
N HIS B 269 -19.43 14.35 3.63
CA HIS B 269 -20.83 14.01 3.42
C HIS B 269 -21.04 12.50 3.46
N SER B 270 -21.54 12.00 4.58
CA SER B 270 -21.78 10.58 4.71
C SER B 270 -23.18 10.32 5.24
N GLU B 271 -23.49 9.05 5.43
CA GLU B 271 -24.79 8.66 5.95
C GLU B 271 -24.93 9.15 7.38
N LYS B 272 -23.79 9.52 7.97
CA LYS B 272 -23.75 10.00 9.34
C LYS B 272 -23.88 11.51 9.42
N SER B 273 -24.98 11.97 10.01
CA SER B 273 -25.26 13.39 10.18
C SER B 273 -26.00 13.64 11.50
N GLU B 277 -20.19 15.23 17.36
CA GLU B 277 -18.89 15.85 17.16
C GLU B 277 -18.18 16.13 18.48
N GLY B 278 -16.85 16.33 18.40
CA GLY B 278 -16.09 16.61 19.61
C GLY B 278 -15.00 17.65 19.36
N LYS B 279 -14.28 17.47 18.23
CA LYS B 279 -13.22 18.40 17.89
C LYS B 279 -13.55 19.18 16.61
N GLY B 280 -14.24 18.49 15.69
CA GLY B 280 -14.58 19.12 14.43
C GLY B 280 -13.98 18.39 13.23
N TRP B 281 -12.85 17.73 13.58
CA TRP B 281 -11.97 17.24 12.53
C TRP B 281 -11.34 15.89 12.89
N LYS B 282 -10.67 15.38 11.87
CA LYS B 282 -10.00 14.10 11.99
C LYS B 282 -8.66 14.05 11.26
N ALA B 283 -7.62 13.65 11.98
CA ALA B 283 -6.29 13.53 11.42
C ALA B 283 -6.28 12.47 10.31
N ILE B 284 -5.73 12.84 9.15
CA ILE B 284 -5.68 11.93 8.00
C ILE B 284 -4.31 11.78 7.37
N ARG B 285 -3.89 10.54 7.14
CA ARG B 285 -2.60 10.26 6.51
C ARG B 285 -2.81 10.39 5.02
N VAL B 286 -1.94 11.16 4.36
CA VAL B 286 -2.07 11.41 2.93
C VAL B 286 -0.75 11.39 2.19
N ASP B 287 -0.73 10.74 1.04
CA ASP B 287 0.46 10.66 0.21
C ASP B 287 0.29 11.31 -1.16
N LEU B 288 1.17 12.25 -1.48
CA LEU B 288 1.10 12.91 -2.76
C LEU B 288 2.29 12.52 -3.61
N VAL B 289 2.03 12.12 -4.84
CA VAL B 289 3.10 11.75 -5.74
C VAL B 289 2.99 12.65 -6.94
N MET B 290 4.10 13.31 -7.28
CA MET B 290 4.15 14.19 -8.43
C MET B 290 4.83 13.40 -9.54
N CYS B 291 4.32 13.50 -10.75
CA CYS B 291 4.93 12.74 -11.84
C CYS B 291 4.89 13.38 -13.22
N PRO B 292 5.98 13.18 -13.99
CA PRO B 292 6.06 13.67 -15.40
C PRO B 292 4.92 13.15 -16.25
N TYR B 293 4.27 14.02 -16.99
CA TYR B 293 3.14 13.61 -17.79
C TYR B 293 3.39 12.37 -18.66
N ASP B 294 4.61 12.18 -19.11
CA ASP B 294 4.92 11.04 -19.99
C ASP B 294 5.09 9.69 -19.31
N ARG B 295 5.28 9.70 -17.99
CA ARG B 295 5.47 8.45 -17.24
C ARG B 295 4.27 8.12 -16.36
N ARG B 296 3.29 9.04 -16.32
CA ARG B 296 2.08 8.89 -15.51
C ARG B 296 1.45 7.50 -15.51
N ALA B 297 1.49 6.81 -16.63
CA ALA B 297 0.93 5.46 -16.73
C ALA B 297 1.64 4.40 -15.87
N PHE B 298 2.90 4.62 -15.53
CA PHE B 298 3.64 3.67 -14.72
C PHE B 298 3.47 3.98 -13.24
N ALA B 299 3.29 5.25 -12.92
CA ALA B 299 3.11 5.66 -11.54
C ALA B 299 1.78 5.12 -11.03
N LEU B 300 0.76 5.22 -11.87
CA LEU B 300 -0.57 4.75 -11.50
C LEU B 300 -0.53 3.26 -11.29
N LEU B 301 0.11 2.56 -12.23
CA LEU B 301 0.21 1.13 -12.08
C LEU B 301 1.08 0.89 -10.86
N GLY B 302 2.04 1.79 -10.63
CA GLY B 302 2.91 1.63 -9.49
C GLY B 302 2.24 1.98 -8.18
N TRP B 303 1.31 2.96 -8.21
CA TRP B 303 0.66 3.43 -6.97
C TRP B 303 -0.70 2.82 -6.70
N THR B 304 -1.16 1.92 -7.56
CA THR B 304 -2.44 1.29 -7.32
C THR B 304 -2.04 -0.06 -6.77
N GLY B 305 -2.95 -0.70 -6.03
CA GLY B 305 -2.60 -1.98 -5.47
C GLY B 305 -2.20 -3.08 -6.44
N SER B 306 -1.61 -4.15 -5.89
CA SER B 306 -1.34 -4.26 -4.45
C SER B 306 0.09 -4.73 -4.28
N ARG B 307 0.54 -4.89 -3.05
CA ARG B 307 1.90 -5.35 -2.83
C ARG B 307 2.15 -6.58 -3.70
N GLN B 308 1.29 -7.59 -3.56
CA GLN B 308 1.43 -8.82 -4.30
C GLN B 308 1.26 -8.65 -5.80
N PHE B 309 0.30 -7.82 -6.21
CA PHE B 309 0.10 -7.61 -7.63
C PHE B 309 1.40 -7.03 -8.15
N GLU B 310 1.81 -5.92 -7.57
CA GLU B 310 3.06 -5.25 -7.93
C GLU B 310 4.25 -6.20 -7.85
N ARG B 311 4.24 -7.03 -6.82
CA ARG B 311 5.32 -7.97 -6.62
C ARG B 311 5.47 -8.90 -7.83
N ASP B 312 4.38 -9.55 -8.23
CA ASP B 312 4.41 -10.46 -9.37
C ASP B 312 4.53 -9.79 -10.72
N LEU B 313 3.82 -8.68 -10.90
CA LEU B 313 3.87 -7.92 -12.13
C LEU B 313 5.33 -7.83 -12.51
N ARG B 314 6.16 -7.52 -11.51
CA ARG B 314 7.59 -7.40 -11.71
C ARG B 314 8.30 -8.71 -11.96
N ARG B 315 8.13 -9.72 -11.11
CA ARG B 315 8.82 -10.97 -11.38
C ARG B 315 8.35 -11.56 -12.72
N TYR B 316 7.06 -11.43 -13.01
CA TYR B 316 6.55 -11.92 -14.28
C TYR B 316 7.27 -11.16 -15.38
N ALA B 317 7.28 -9.83 -15.25
CA ALA B 317 7.94 -8.98 -16.22
C ALA B 317 9.32 -9.54 -16.52
N THR B 318 10.17 -9.64 -15.50
CA THR B 318 11.51 -10.16 -15.73
C THR B 318 11.48 -11.62 -16.13
N HIS B 319 11.21 -12.51 -15.17
CA HIS B 319 11.24 -13.94 -15.44
C HIS B 319 10.46 -14.47 -16.62
N GLU B 320 9.58 -13.66 -17.19
CA GLU B 320 8.79 -14.14 -18.33
C GLU B 320 8.95 -13.30 -19.59
N ARG B 321 9.41 -12.06 -19.46
CA ARG B 321 9.45 -11.32 -20.72
C ARG B 321 10.81 -10.63 -20.93
N LYS B 322 11.72 -10.89 -19.98
CA LYS B 322 13.06 -10.30 -20.10
C LYS B 322 13.00 -8.77 -20.22
N MET B 323 11.95 -8.30 -19.54
CA MET B 323 11.62 -6.89 -19.48
C MET B 323 11.72 -6.42 -18.03
N MET B 324 11.95 -5.12 -17.85
CA MET B 324 12.07 -4.56 -16.52
C MET B 324 11.03 -3.47 -16.26
N LEU B 325 10.07 -3.77 -15.40
CA LEU B 325 9.03 -2.82 -15.06
C LEU B 325 9.47 -1.97 -13.88
N ASP B 326 9.03 -0.73 -13.91
CA ASP B 326 9.38 0.25 -12.90
C ASP B 326 8.13 0.98 -12.53
N ASN B 327 8.28 2.02 -11.74
CA ASN B 327 7.15 2.85 -11.35
C ASN B 327 7.25 4.00 -12.33
N HIS B 328 8.27 3.97 -13.19
CA HIS B 328 8.44 5.05 -14.16
C HIS B 328 8.87 4.63 -15.58
N ALA B 329 9.21 3.36 -15.75
CA ALA B 329 9.65 2.90 -17.07
C ALA B 329 9.43 1.40 -17.26
N LEU B 330 9.58 0.95 -18.50
CA LEU B 330 9.42 -0.47 -18.82
C LEU B 330 10.43 -0.76 -19.93
N TYR B 331 11.62 -1.19 -19.51
CA TYR B 331 12.71 -1.48 -20.43
C TYR B 331 12.74 -2.94 -20.88
N ASP B 332 13.00 -3.12 -22.17
CA ASP B 332 13.10 -4.43 -22.79
C ASP B 332 14.59 -4.71 -22.95
N ARG B 333 15.12 -5.63 -22.15
CA ARG B 333 16.53 -5.99 -22.20
C ARG B 333 16.91 -6.62 -23.53
N THR B 334 15.94 -7.22 -24.21
CA THR B 334 16.17 -7.87 -25.51
C THR B 334 16.23 -6.84 -26.62
N LYS B 335 15.16 -6.09 -26.81
CA LYS B 335 15.11 -5.06 -27.84
C LYS B 335 15.92 -3.83 -27.43
N ARG B 336 16.52 -3.87 -26.24
CA ARG B 336 17.32 -2.75 -25.73
C ARG B 336 16.60 -1.44 -26.00
N VAL B 337 15.31 -1.40 -25.71
CA VAL B 337 14.50 -0.22 -25.94
C VAL B 337 13.50 0.01 -24.81
N PHE B 338 13.21 1.28 -24.54
CA PHE B 338 12.26 1.66 -23.49
C PHE B 338 10.88 1.77 -24.10
N LEU B 339 9.95 0.95 -23.60
CA LEU B 339 8.57 0.97 -24.07
C LEU B 339 7.79 2.05 -23.36
N GLU B 340 6.89 2.70 -24.07
CA GLU B 340 6.09 3.75 -23.46
C GLU B 340 4.64 3.36 -23.42
N ALA B 341 3.90 3.98 -22.52
CA ALA B 341 2.49 3.69 -22.38
C ALA B 341 1.73 4.97 -22.03
N GLU B 342 0.71 5.28 -22.81
CA GLU B 342 -0.09 6.47 -22.57
C GLU B 342 -1.14 6.06 -21.56
N SER B 343 -1.25 4.76 -21.32
CA SER B 343 -2.23 4.21 -20.38
C SER B 343 -1.72 2.96 -19.67
N GLU B 344 -2.48 2.52 -18.67
CA GLU B 344 -2.13 1.31 -17.95
C GLU B 344 -2.31 0.15 -18.92
N GLU B 345 -3.43 0.16 -19.65
CA GLU B 345 -3.75 -0.87 -20.63
C GLU B 345 -2.60 -1.17 -21.58
N GLU B 346 -1.89 -0.12 -21.98
CA GLU B 346 -0.75 -0.26 -22.87
C GLU B 346 0.34 -1.07 -22.19
N ILE B 347 0.65 -0.70 -20.95
CA ILE B 347 1.67 -1.42 -20.20
C ILE B 347 1.30 -2.91 -20.18
N PHE B 348 0.13 -3.23 -19.64
CA PHE B 348 -0.31 -4.64 -19.61
C PHE B 348 -0.11 -5.25 -20.98
N ALA B 349 -0.48 -4.48 -22.00
CA ALA B 349 -0.38 -4.89 -23.39
C ALA B 349 1.06 -5.26 -23.74
N HIS B 350 1.98 -4.40 -23.32
CA HIS B 350 3.41 -4.60 -23.56
C HIS B 350 3.96 -5.86 -22.90
N LEU B 351 3.59 -6.07 -21.64
CA LEU B 351 4.03 -7.23 -20.89
C LEU B 351 3.36 -8.44 -21.49
N GLY B 352 2.36 -8.18 -22.34
CA GLY B 352 1.61 -9.24 -22.98
C GLY B 352 0.68 -9.90 -21.99
N LEU B 353 -0.17 -9.09 -21.37
CA LEU B 353 -1.11 -9.58 -20.38
C LEU B 353 -2.53 -9.07 -20.61
N ASP B 354 -3.53 -9.91 -20.36
CA ASP B 354 -4.91 -9.46 -20.50
C ASP B 354 -5.01 -8.38 -19.45
N TYR B 355 -5.73 -7.30 -19.72
CA TYR B 355 -5.83 -6.23 -18.74
C TYR B 355 -6.65 -6.62 -17.52
N ILE B 356 -6.14 -6.27 -16.34
CA ILE B 356 -6.81 -6.56 -15.09
C ILE B 356 -7.22 -5.17 -14.62
N GLU B 357 -8.44 -5.04 -14.13
CA GLU B 357 -8.93 -3.75 -13.65
C GLU B 357 -8.42 -3.47 -12.24
N PRO B 358 -8.43 -2.18 -11.83
CA PRO B 358 -7.97 -1.78 -10.50
C PRO B 358 -8.61 -2.58 -9.38
N TRP B 359 -9.86 -2.99 -9.57
CA TRP B 359 -10.56 -3.76 -8.54
C TRP B 359 -10.33 -5.25 -8.62
N GLU B 360 -9.71 -5.68 -9.72
CA GLU B 360 -9.37 -7.08 -9.93
C GLU B 360 -7.91 -7.25 -9.49
N ARG B 361 -7.36 -6.20 -8.89
CA ARG B 361 -5.97 -6.20 -8.44
C ARG B 361 -5.77 -6.32 -6.94
N ASN B 362 -6.79 -6.77 -6.23
CA ASN B 362 -6.65 -6.95 -4.80
C ASN B 362 -6.08 -8.35 -4.51
N ALA B 363 -4.91 -8.62 -5.08
CA ALA B 363 -4.26 -9.90 -4.89
C ALA B 363 -3.66 -9.94 -3.50
#